data_8QKW
#
_entry.id   8QKW
#
_cell.length_a   120.090
_cell.length_b   63.990
_cell.length_c   67.990
_cell.angle_alpha   90.000
_cell.angle_beta   103.496
_cell.angle_gamma   90.000
#
_symmetry.space_group_name_H-M   'C 1 2 1'
#
loop_
_entity.id
_entity.type
_entity.pdbx_description
1 polymer 'Glutamate 5-kinase'
2 non-polymer '2-(N-MORPHOLINO)-ETHANESULFONIC ACID'
3 non-polymer GLYCEROL
4 non-polymer 2-(hydroxymethyl)-1-[6-[4-[[3-[[3-[6-[(2~{S},3~{R},4~{S})-2-(hydroxymethyl)-3,4-bis(oxidanyl)pyrrolidin-1-yl]hexyl]-1,2,3-triazol-4-yl]methoxy]-2,2-bis[[1-[6-[2-(hydroxymethyl)-3,4-bis(oxidanyl)pyrrolidin-1-yl]hexyl]-1,2,3-triazol-4-yl]methoxymethyl]propoxy]methyl]-1,2,3-triazol-1-yl]hexyl]pyrrolidine-3,4-diol
5 non-polymer 'POLYETHYLENE GLYCOL (N=34)'
6 non-polymer 'DIMETHYL SULFOXIDE'
7 water water
#
_entity_poly.entity_id   1
_entity_poly.type   'polypeptide(L)'
_entity_poly.pdbx_seq_one_letter_code
;MSTSSSALSQLKNSPLAGNINYEPTVWSRADALKVNENDPTTTQPLVSADFPVMSDTVFIWDTMPLRELDGTVVSVNGWS
VILTLTADRHPDDPQYLDANGRYDIKRDWEDRHGRARMCYWYSRTGKDWIFGGRVMAEGVSPTTREWAGTPILLNDKGDI
DLYYTCVTPGAAIAKVRGRIVTSDQGVELKDFTQVKKLFEADGTYYQTEAQNSSWNFRDPSPFIDPNDGKLYMVFEGNVA
GERGSHTVGAAELGPVPPGHEDVGGARFQVGCIGLAVAKDLSGEEWEILPPLVTAVGVNDQTERPHYIFQDGKYYLFTIS
HKFTYAEGLTGPDGVYGFVGEHLFGPYRPMNASGLVLGNPPEQPFQTYSHCVMPNGLVTSFIDSVPTDGEDYRIGGTEAP
TVRIVLKGDRSFVQEEYDYGYIPAMKDVQLS
;
_entity_poly.pdbx_strand_id   A
#
# COMPACT_ATOMS: atom_id res chain seq x y z
N ILE A 20 -15.84 6.45 -19.51
CA ILE A 20 -16.21 7.32 -18.36
C ILE A 20 -15.42 8.63 -18.47
N ASN A 21 -16.12 9.73 -18.14
CA ASN A 21 -15.55 11.07 -18.02
C ASN A 21 -16.12 11.74 -16.76
N TYR A 22 -15.74 11.25 -15.57
CA TYR A 22 -16.16 11.83 -14.30
C TYR A 22 -15.10 12.83 -13.86
N GLU A 23 -15.51 13.82 -13.06
CA GLU A 23 -14.55 14.77 -12.50
C GLU A 23 -13.96 14.12 -11.23
N PRO A 24 -12.66 14.35 -10.92
CA PRO A 24 -12.09 13.69 -9.75
C PRO A 24 -12.61 14.32 -8.45
N THR A 25 -12.49 13.59 -7.34
CA THR A 25 -12.68 14.25 -6.05
C THR A 25 -11.36 14.90 -5.69
N VAL A 26 -11.41 16.15 -5.25
CA VAL A 26 -10.19 16.86 -4.87
C VAL A 26 -10.05 16.75 -3.36
N TRP A 27 -8.89 16.31 -2.92
CA TRP A 27 -8.53 16.46 -1.49
C TRP A 27 -7.79 17.78 -1.39
N SER A 28 -8.44 18.75 -0.74
CA SER A 28 -7.94 20.12 -0.84
C SER A 28 -7.01 20.44 0.33
N ARG A 29 -6.31 21.59 0.20
CA ARG A 29 -5.48 22.07 1.31
C ARG A 29 -6.33 22.36 2.56
N ALA A 30 -7.56 22.91 2.34
CA ALA A 30 -8.39 23.16 3.52
C ALA A 30 -8.78 21.87 4.23
N ASP A 31 -9.08 20.80 3.47
CA ASP A 31 -9.32 19.49 4.12
C ASP A 31 -8.10 19.06 4.95
N ALA A 32 -6.91 19.19 4.33
CA ALA A 32 -5.69 18.69 4.95
C ALA A 32 -5.33 19.54 6.18
N LEU A 33 -5.81 20.80 6.26
CA LEU A 33 -5.59 21.62 7.47
C LEU A 33 -6.30 21.03 8.69
N LYS A 34 -7.29 20.16 8.45
CA LYS A 34 -7.98 19.51 9.56
C LYS A 34 -7.24 18.27 10.11
N VAL A 35 -6.12 17.86 9.49
CA VAL A 35 -5.46 16.65 9.99
C VAL A 35 -5.01 16.88 11.45
N ASN A 36 -5.29 15.90 12.32
CA ASN A 36 -4.99 15.99 13.75
C ASN A 36 -4.09 14.79 14.11
N GLU A 37 -2.80 15.07 14.38
CA GLU A 37 -1.88 13.99 14.72
C GLU A 37 -2.08 13.52 16.16
N ASN A 38 -2.95 14.22 16.92
CA ASN A 38 -3.10 13.96 18.35
C ASN A 38 -4.48 13.40 18.66
N ASP A 39 -5.15 12.79 17.69
CA ASP A 39 -6.48 12.27 17.92
C ASP A 39 -6.38 10.80 18.33
N PRO A 40 -6.81 10.42 19.54
CA PRO A 40 -6.60 9.01 19.93
C PRO A 40 -7.48 8.03 19.18
N THR A 41 -8.57 8.50 18.51
CA THR A 41 -9.37 7.56 17.72
C THR A 41 -8.71 7.24 16.36
N THR A 42 -7.63 7.97 15.98
CA THR A 42 -7.02 7.76 14.65
C THR A 42 -5.51 7.63 14.79
N THR A 43 -5.06 7.17 15.96
CA THR A 43 -3.62 7.02 16.14
C THR A 43 -3.29 5.54 16.31
N GLN A 44 -2.23 5.14 15.58
CA GLN A 44 -1.67 3.79 15.67
CA GLN A 44 -1.77 3.77 15.71
C GLN A 44 -1.13 3.54 17.09
N PRO A 45 -1.42 2.38 17.74
CA PRO A 45 -0.83 2.11 19.06
C PRO A 45 0.70 2.12 18.98
N LEU A 46 1.37 2.55 20.08
CA LEU A 46 2.82 2.60 20.10
C LEU A 46 3.40 1.20 19.97
N VAL A 47 4.44 1.09 19.16
CA VAL A 47 5.23 -0.14 19.02
C VAL A 47 6.32 -0.13 20.09
N SER A 48 6.42 -1.26 20.81
CA SER A 48 7.46 -1.46 21.83
C SER A 48 8.85 -1.61 21.19
N ALA A 49 9.86 -0.97 21.79
CA ALA A 49 11.21 -1.12 21.25
C ALA A 49 11.71 -2.56 21.37
N ASP A 50 10.98 -3.44 22.09
CA ASP A 50 11.44 -4.81 22.27
CA ASP A 50 11.46 -4.81 22.26
C ASP A 50 10.78 -5.76 21.27
N PHE A 51 10.28 -5.21 20.14
CA PHE A 51 9.58 -6.04 19.17
C PHE A 51 10.41 -7.22 18.68
N PRO A 52 9.78 -8.38 18.39
CA PRO A 52 10.47 -9.50 17.77
C PRO A 52 10.63 -9.29 16.28
N VAL A 53 11.58 -10.02 15.67
CA VAL A 53 11.80 -9.96 14.24
C VAL A 53 11.47 -11.28 13.59
N MET A 54 10.82 -11.23 12.43
CA MET A 54 10.31 -12.48 11.90
C MET A 54 11.38 -13.26 11.14
N SER A 55 12.48 -12.59 10.74
CA SER A 55 13.55 -13.33 10.07
C SER A 55 14.87 -12.65 10.42
N ASP A 56 15.92 -13.44 10.66
CA ASP A 56 17.20 -12.72 10.77
C ASP A 56 18.05 -12.85 9.51
N THR A 57 17.47 -13.32 8.40
CA THR A 57 18.16 -13.33 7.14
C THR A 57 17.52 -12.41 6.09
N VAL A 58 16.22 -12.07 6.24
CA VAL A 58 15.63 -11.14 5.27
C VAL A 58 14.90 -10.00 6.00
N PHE A 59 14.87 -8.83 5.34
CA PHE A 59 13.94 -7.76 5.68
C PHE A 59 12.66 -7.95 4.87
N ILE A 60 11.53 -7.58 5.51
CA ILE A 60 10.29 -7.49 4.75
C ILE A 60 9.71 -6.09 4.95
N TRP A 61 8.85 -5.69 4.02
CA TRP A 61 8.15 -4.44 4.29
C TRP A 61 6.71 -4.58 3.79
N ASP A 62 6.40 -4.03 2.64
CA ASP A 62 5.02 -4.02 2.19
C ASP A 62 4.47 -5.45 2.12
N THR A 63 3.36 -5.71 2.80
CA THR A 63 2.83 -7.06 2.92
C THR A 63 1.48 -7.10 2.23
N MET A 64 1.22 -8.20 1.49
CA MET A 64 0.06 -8.31 0.60
C MET A 64 -0.61 -9.67 0.86
N PRO A 65 -1.69 -9.71 1.63
CA PRO A 65 -2.37 -11.00 1.90
C PRO A 65 -2.99 -11.61 0.66
N LEU A 66 -2.98 -12.95 0.60
CA LEU A 66 -3.69 -13.60 -0.49
C LEU A 66 -5.19 -13.35 -0.33
N ARG A 67 -5.84 -12.92 -1.43
CA ARG A 67 -7.23 -12.56 -1.29
C ARG A 67 -8.02 -12.90 -2.54
N GLU A 68 -9.37 -12.80 -2.44
CA GLU A 68 -10.21 -12.91 -3.61
C GLU A 68 -10.52 -11.51 -4.16
N LEU A 69 -11.11 -11.47 -5.36
CA LEU A 69 -11.40 -10.17 -5.98
C LEU A 69 -12.46 -9.35 -5.23
N ASP A 70 -13.27 -9.99 -4.40
CA ASP A 70 -14.20 -9.24 -3.60
C ASP A 70 -13.59 -8.67 -2.31
N GLY A 71 -12.29 -8.92 -2.05
CA GLY A 71 -11.58 -8.37 -0.91
C GLY A 71 -11.34 -9.41 0.21
N THR A 72 -12.02 -10.56 0.13
CA THR A 72 -11.91 -11.52 1.21
C THR A 72 -10.51 -12.12 1.31
N VAL A 73 -9.89 -12.03 2.49
CA VAL A 73 -8.57 -12.62 2.71
C VAL A 73 -8.77 -14.13 2.90
N VAL A 74 -7.99 -14.96 2.18
CA VAL A 74 -8.31 -16.39 2.15
C VAL A 74 -7.13 -17.24 2.61
N SER A 75 -7.46 -18.36 3.27
CA SER A 75 -6.51 -19.48 3.40
C SER A 75 -6.82 -20.53 2.33
N VAL A 76 -5.85 -21.43 2.13
CA VAL A 76 -6.01 -22.48 1.13
C VAL A 76 -5.71 -23.81 1.83
N ASN A 77 -6.72 -24.67 1.99
CA ASN A 77 -6.56 -25.96 2.66
C ASN A 77 -6.06 -25.75 4.09
N GLY A 78 -6.55 -24.67 4.69
CA GLY A 78 -6.19 -24.32 6.04
C GLY A 78 -4.87 -23.54 6.21
N TRP A 79 -4.19 -23.17 5.10
CA TRP A 79 -2.95 -22.42 5.23
C TRP A 79 -3.21 -20.94 4.85
N SER A 80 -2.88 -20.05 5.78
CA SER A 80 -2.86 -18.61 5.47
C SER A 80 -1.63 -18.33 4.64
N VAL A 81 -1.73 -17.36 3.74
CA VAL A 81 -0.61 -17.07 2.83
C VAL A 81 -0.49 -15.55 2.67
N ILE A 82 0.75 -15.03 2.84
CA ILE A 82 0.98 -13.62 2.51
C ILE A 82 2.19 -13.50 1.58
N LEU A 83 2.20 -12.44 0.78
CA LEU A 83 3.37 -12.06 -0.01
C LEU A 83 4.00 -10.83 0.62
N THR A 84 5.34 -10.72 0.51
CA THR A 84 6.03 -9.53 1.04
C THR A 84 7.03 -9.05 -0.01
N LEU A 85 7.26 -7.73 -0.07
CA LEU A 85 8.51 -7.24 -0.64
C LEU A 85 9.63 -7.61 0.33
N THR A 86 10.73 -8.09 -0.23
CA THR A 86 11.74 -8.73 0.61
C THR A 86 13.13 -8.43 0.05
N ALA A 87 14.10 -8.27 0.96
CA ALA A 87 15.52 -8.10 0.58
C ALA A 87 16.36 -8.82 1.61
N ASP A 88 17.58 -9.25 1.22
CA ASP A 88 18.42 -9.88 2.22
C ASP A 88 18.97 -8.87 3.22
N ARG A 89 19.22 -9.36 4.43
CA ARG A 89 20.02 -8.73 5.45
C ARG A 89 21.48 -9.15 5.20
N HIS A 90 22.38 -8.18 5.42
CA HIS A 90 23.79 -8.39 5.14
C HIS A 90 24.67 -8.10 6.36
N PRO A 91 24.46 -8.72 7.55
CA PRO A 91 25.14 -8.26 8.76
C PRO A 91 26.65 -8.55 8.76
N ASP A 92 27.13 -9.36 7.83
CA ASP A 92 28.53 -9.78 7.82
C ASP A 92 29.19 -9.44 6.51
N ASP A 93 28.52 -8.61 5.70
CA ASP A 93 29.05 -8.20 4.42
C ASP A 93 29.97 -7.00 4.67
N PRO A 94 31.27 -7.03 4.27
CA PRO A 94 32.12 -5.86 4.35
C PRO A 94 31.54 -4.55 3.84
N GLN A 95 30.68 -4.56 2.81
CA GLN A 95 30.20 -3.26 2.35
C GLN A 95 29.33 -2.58 3.40
N TYR A 96 28.89 -3.32 4.44
CA TYR A 96 28.04 -2.68 5.46
C TYR A 96 28.74 -2.61 6.82
N LEU A 97 30.04 -2.90 6.86
CA LEU A 97 30.76 -2.83 8.13
C LEU A 97 31.62 -1.57 8.09
N ASP A 98 31.47 -0.72 9.12
CA ASP A 98 32.09 0.61 9.06
C ASP A 98 33.53 0.51 9.59
N ALA A 99 34.18 1.65 9.78
CA ALA A 99 35.63 1.59 10.09
C ALA A 99 35.85 1.00 11.49
N ASN A 100 34.80 0.98 12.31
CA ASN A 100 34.91 0.46 13.68
C ASN A 100 34.40 -0.99 13.74
N GLY A 101 34.08 -1.57 12.60
CA GLY A 101 33.53 -2.91 12.47
C GLY A 101 32.05 -3.03 12.89
N ARG A 102 31.36 -1.88 13.02
CA ARG A 102 29.92 -1.91 13.30
C ARG A 102 29.11 -2.13 12.02
N TYR A 103 28.05 -2.94 12.09
CA TYR A 103 27.17 -3.23 10.96
C TYR A 103 26.23 -2.04 10.78
N ASP A 104 26.24 -1.48 9.56
CA ASP A 104 25.46 -0.29 9.26
C ASP A 104 24.08 -0.74 8.78
N ILE A 105 23.27 -1.14 9.76
CA ILE A 105 21.97 -1.72 9.43
C ILE A 105 21.10 -0.65 8.76
N LYS A 106 21.23 0.64 9.11
CA LYS A 106 20.43 1.66 8.45
C LYS A 106 20.67 1.70 6.94
N ARG A 107 21.92 1.61 6.52
CA ARG A 107 22.24 1.64 5.10
C ARG A 107 21.72 0.37 4.42
N ASP A 108 21.86 -0.77 5.11
CA ASP A 108 21.42 -2.02 4.47
C ASP A 108 19.89 -1.93 4.27
N TRP A 109 19.19 -1.46 5.30
CA TRP A 109 17.72 -1.31 5.25
C TRP A 109 17.29 -0.34 4.16
N GLU A 110 18.03 0.76 3.99
CA GLU A 110 17.70 1.77 3.00
C GLU A 110 17.96 1.27 1.58
N ASP A 111 18.90 0.34 1.42
CA ASP A 111 19.21 -0.24 0.13
C ASP A 111 18.21 -1.31 -0.29
N ARG A 112 17.16 -1.56 0.52
CA ARG A 112 16.28 -2.67 0.19
C ARG A 112 15.51 -2.49 -1.13
N HIS A 113 15.19 -1.23 -1.49
CA HIS A 113 14.26 -0.98 -2.58
C HIS A 113 14.81 -1.47 -3.91
N GLY A 114 16.12 -1.27 -4.11
CA GLY A 114 16.75 -1.69 -5.34
C GLY A 114 16.91 -3.19 -5.43
N ARG A 115 16.72 -3.91 -4.31
CA ARG A 115 16.89 -5.36 -4.31
C ARG A 115 15.55 -6.04 -4.08
N ALA A 116 14.45 -5.28 -4.17
CA ALA A 116 13.15 -5.82 -3.77
C ALA A 116 12.75 -7.01 -4.64
N ARG A 117 12.31 -8.09 -3.97
CA ARG A 117 11.76 -9.24 -4.66
CA ARG A 117 11.74 -9.23 -4.67
C ARG A 117 10.52 -9.74 -3.89
N MET A 118 9.59 -10.35 -4.62
CA MET A 118 8.34 -10.88 -4.08
CA MET A 118 8.36 -10.87 -4.04
C MET A 118 8.64 -12.26 -3.47
N CYS A 119 8.39 -12.43 -2.17
CA CYS A 119 8.47 -13.73 -1.50
C CYS A 119 7.13 -14.08 -0.88
N TYR A 120 6.87 -15.36 -0.58
CA TYR A 120 5.64 -15.72 0.12
C TYR A 120 5.98 -16.42 1.42
N TRP A 121 4.98 -16.41 2.34
CA TRP A 121 5.08 -17.01 3.66
C TRP A 121 3.74 -17.68 3.92
N TYR A 122 3.74 -18.67 4.83
CA TYR A 122 2.49 -19.37 5.07
C TYR A 122 2.39 -19.73 6.55
N SER A 123 1.16 -19.98 7.04
CA SER A 123 1.01 -20.32 8.45
C SER A 123 -0.35 -20.97 8.65
N ARG A 124 -0.48 -21.89 9.64
CA ARG A 124 -1.80 -22.42 9.95
C ARG A 124 -2.56 -21.47 10.87
N THR A 125 -1.85 -20.50 11.48
CA THR A 125 -2.51 -19.71 12.51
C THR A 125 -2.78 -18.26 12.08
N GLY A 126 -2.24 -17.83 10.92
CA GLY A 126 -2.25 -16.40 10.59
C GLY A 126 -1.15 -15.59 11.25
N LYS A 127 -0.15 -16.25 11.90
CA LYS A 127 1.01 -15.55 12.43
C LYS A 127 2.19 -16.55 12.54
N ASP A 128 3.33 -16.10 13.07
CA ASP A 128 4.50 -16.97 13.13
C ASP A 128 4.81 -17.57 11.75
N TRP A 129 4.91 -16.69 10.75
CA TRP A 129 5.03 -17.03 9.35
C TRP A 129 6.28 -17.86 9.03
N ILE A 130 6.04 -18.88 8.20
CA ILE A 130 7.09 -19.74 7.64
C ILE A 130 7.46 -19.23 6.25
N PHE A 131 8.76 -19.02 6.04
CA PHE A 131 9.27 -18.49 4.78
C PHE A 131 9.14 -19.50 3.65
N GLY A 132 8.51 -19.08 2.54
CA GLY A 132 8.31 -19.93 1.39
C GLY A 132 9.30 -19.65 0.25
N GLY A 133 9.92 -18.48 0.25
CA GLY A 133 10.93 -18.15 -0.75
C GLY A 133 10.32 -17.32 -1.88
N ARG A 134 11.05 -17.22 -3.00
CA ARG A 134 10.67 -16.32 -4.09
C ARG A 134 9.40 -16.82 -4.77
N VAL A 135 8.52 -15.90 -5.19
CA VAL A 135 7.37 -16.24 -6.03
C VAL A 135 7.80 -16.58 -7.46
N MET A 136 8.70 -15.74 -8.00
CA MET A 136 9.17 -15.86 -9.39
C MET A 136 10.67 -16.17 -9.34
N ALA A 137 11.11 -17.06 -10.26
CA ALA A 137 12.55 -17.29 -10.37
C ALA A 137 13.22 -16.01 -10.83
N GLU A 138 14.47 -15.79 -10.40
CA GLU A 138 15.23 -14.66 -10.91
C GLU A 138 15.19 -14.68 -12.43
N GLY A 139 14.98 -13.49 -13.02
CA GLY A 139 15.01 -13.27 -14.45
C GLY A 139 13.64 -13.37 -15.13
N VAL A 140 12.61 -13.85 -14.41
CA VAL A 140 11.26 -13.92 -14.93
C VAL A 140 10.68 -12.50 -15.04
N SER A 141 10.93 -11.71 -13.99
CA SER A 141 10.39 -10.35 -14.00
C SER A 141 11.13 -9.52 -15.05
N PRO A 142 10.43 -8.71 -15.89
CA PRO A 142 11.10 -7.82 -16.85
C PRO A 142 12.04 -6.82 -16.20
N THR A 143 11.77 -6.42 -14.94
CA THR A 143 12.66 -5.57 -14.17
C THR A 143 13.20 -6.35 -12.99
N THR A 144 14.44 -6.03 -12.58
CA THR A 144 14.99 -6.73 -11.43
C THR A 144 14.20 -6.39 -10.18
N ARG A 145 13.75 -5.13 -10.04
CA ARG A 145 12.92 -4.77 -8.88
C ARG A 145 11.50 -5.28 -9.11
N GLU A 146 10.94 -5.94 -8.07
CA GLU A 146 9.55 -6.38 -8.06
C GLU A 146 8.88 -5.58 -6.95
N TRP A 147 8.00 -4.63 -7.32
CA TRP A 147 7.42 -3.78 -6.28
C TRP A 147 5.93 -4.13 -6.12
N ALA A 148 5.21 -3.33 -5.31
CA ALA A 148 4.02 -3.93 -4.68
C ALA A 148 2.85 -4.16 -5.64
N GLY A 149 1.90 -4.93 -5.14
CA GLY A 149 0.65 -5.17 -5.84
C GLY A 149 -0.26 -6.05 -4.99
N THR A 150 -0.92 -7.03 -5.66
CA THR A 150 -1.90 -7.85 -4.95
C THR A 150 -1.91 -9.27 -5.52
N PRO A 151 -1.82 -10.32 -4.67
CA PRO A 151 -2.04 -11.69 -5.15
C PRO A 151 -3.50 -12.12 -5.00
N ILE A 152 -4.09 -12.58 -6.12
CA ILE A 152 -5.52 -12.91 -6.19
C ILE A 152 -5.66 -14.42 -6.39
N LEU A 153 -6.41 -15.06 -5.49
CA LEU A 153 -6.78 -16.47 -5.68
C LEU A 153 -7.99 -16.50 -6.59
N LEU A 154 -7.80 -17.08 -7.78
CA LEU A 154 -8.84 -16.97 -8.81
C LEU A 154 -9.96 -18.00 -8.65
N ASN A 155 -9.61 -19.19 -8.14
CA ASN A 155 -10.57 -20.28 -8.12
C ASN A 155 -10.14 -21.37 -7.15
N ASP A 156 -11.00 -22.40 -7.02
CA ASP A 156 -10.64 -23.48 -6.12
C ASP A 156 -9.75 -24.54 -6.78
N LYS A 157 -9.23 -24.28 -7.98
CA LYS A 157 -8.16 -25.13 -8.49
C LYS A 157 -6.80 -24.60 -8.06
N GLY A 158 -6.76 -23.38 -7.51
CA GLY A 158 -5.54 -22.89 -6.94
C GLY A 158 -4.78 -21.99 -7.94
N ASP A 159 -5.47 -21.55 -8.99
CA ASP A 159 -4.87 -20.58 -9.92
C ASP A 159 -4.78 -19.22 -9.20
N ILE A 160 -3.63 -18.53 -9.36
CA ILE A 160 -3.43 -17.20 -8.76
C ILE A 160 -2.99 -16.24 -9.85
N ASP A 161 -3.55 -15.02 -9.84
CA ASP A 161 -2.95 -13.95 -10.63
C ASP A 161 -2.23 -13.03 -9.64
N LEU A 162 -0.95 -12.81 -9.89
CA LEU A 162 -0.23 -11.81 -9.09
C LEU A 162 -0.08 -10.54 -9.91
N TYR A 163 -0.68 -9.47 -9.39
CA TYR A 163 -0.61 -8.15 -10.03
C TYR A 163 0.49 -7.43 -9.28
N TYR A 164 1.48 -6.87 -9.99
CA TYR A 164 2.56 -6.23 -9.27
C TYR A 164 3.13 -5.11 -10.14
N THR A 165 4.19 -4.45 -9.60
CA THR A 165 4.75 -3.31 -10.31
C THR A 165 6.19 -3.62 -10.76
N CYS A 166 6.44 -3.47 -12.06
CA CYS A 166 7.79 -3.59 -12.61
C CYS A 166 8.41 -2.19 -12.70
N VAL A 167 9.53 -1.99 -12.01
CA VAL A 167 10.10 -0.65 -11.98
C VAL A 167 11.58 -0.69 -12.37
N THR A 168 11.97 0.30 -13.20
CA THR A 168 13.35 0.68 -13.52
C THR A 168 13.98 -0.34 -14.50
N PRO A 169 14.07 -0.04 -15.81
CA PRO A 169 13.64 1.26 -16.37
C PRO A 169 12.12 1.43 -16.46
N GLY A 170 11.64 2.69 -16.31
CA GLY A 170 10.20 2.92 -16.42
C GLY A 170 9.41 2.37 -15.22
N ALA A 171 8.09 2.29 -15.40
CA ALA A 171 7.22 1.76 -14.36
C ALA A 171 5.96 1.25 -15.05
N ALA A 172 5.66 -0.02 -14.82
CA ALA A 172 4.50 -0.60 -15.49
C ALA A 172 3.77 -1.45 -14.48
N ILE A 173 2.44 -1.44 -14.58
CA ILE A 173 1.66 -2.43 -13.82
C ILE A 173 1.57 -3.70 -14.67
N ALA A 174 1.78 -4.85 -14.01
CA ALA A 174 1.98 -6.09 -14.73
C ALA A 174 1.22 -7.18 -14.01
N LYS A 175 1.05 -8.34 -14.67
CA LYS A 175 0.54 -9.47 -13.92
C LYS A 175 1.25 -10.75 -14.33
N VAL A 176 1.20 -11.75 -13.46
CA VAL A 176 1.81 -13.02 -13.80
C VAL A 176 0.91 -14.10 -13.16
N ARG A 177 0.55 -15.12 -13.97
CA ARG A 177 -0.30 -16.20 -13.50
C ARG A 177 0.56 -17.33 -12.92
N GLY A 178 0.05 -17.96 -11.85
CA GLY A 178 0.71 -19.13 -11.28
C GLY A 178 -0.30 -19.98 -10.53
N ARG A 179 0.21 -20.80 -9.60
CA ARG A 179 -0.68 -21.66 -8.85
C ARG A 179 -0.13 -21.95 -7.46
N ILE A 180 -1.04 -22.32 -6.56
CA ILE A 180 -0.65 -22.74 -5.23
C ILE A 180 -1.04 -24.21 -5.09
N VAL A 181 -0.14 -24.96 -4.45
CA VAL A 181 -0.43 -26.35 -4.04
C VAL A 181 -0.03 -26.46 -2.58
N THR A 182 -0.72 -27.35 -1.83
CA THR A 182 -0.34 -27.48 -0.44
C THR A 182 -0.25 -28.95 -0.07
N SER A 183 0.34 -29.18 1.10
CA SER A 183 0.32 -30.50 1.70
C SER A 183 0.31 -30.33 3.21
N ASP A 184 0.40 -31.45 3.94
CA ASP A 184 0.55 -31.35 5.39
C ASP A 184 1.88 -30.69 5.76
N GLN A 185 2.83 -30.56 4.81
CA GLN A 185 4.11 -30.00 5.18
C GLN A 185 4.15 -28.49 4.93
N GLY A 186 3.22 -27.96 4.13
CA GLY A 186 3.34 -26.53 3.84
C GLY A 186 2.74 -26.17 2.49
N VAL A 187 3.17 -25.01 1.98
CA VAL A 187 2.61 -24.44 0.76
C VAL A 187 3.74 -24.24 -0.24
N GLU A 188 3.42 -24.37 -1.52
CA GLU A 188 4.35 -24.00 -2.58
C GLU A 188 3.58 -23.14 -3.58
N LEU A 189 4.19 -22.02 -4.01
CA LEU A 189 3.64 -21.29 -5.13
C LEU A 189 4.56 -21.62 -6.31
N LYS A 190 4.00 -21.91 -7.48
CA LYS A 190 4.84 -22.27 -8.61
C LYS A 190 4.19 -21.88 -9.94
N ASP A 191 4.97 -22.07 -11.02
CA ASP A 191 4.55 -21.80 -12.38
C ASP A 191 4.33 -20.31 -12.66
N PHE A 192 4.93 -19.39 -11.87
CA PHE A 192 4.89 -17.95 -12.19
C PHE A 192 6.06 -17.63 -13.15
N THR A 193 5.81 -17.81 -14.46
CA THR A 193 6.93 -17.81 -15.41
C THR A 193 6.75 -16.79 -16.53
N GLN A 194 5.55 -16.28 -16.75
CA GLN A 194 5.36 -15.37 -17.88
C GLN A 194 4.70 -14.08 -17.39
N VAL A 195 5.48 -13.01 -17.26
CA VAL A 195 4.92 -11.71 -16.84
C VAL A 195 4.40 -10.98 -18.08
N LYS A 196 3.18 -10.44 -17.97
CA LYS A 196 2.62 -9.59 -19.01
C LYS A 196 2.51 -8.17 -18.43
N LYS A 197 3.14 -7.18 -19.11
CA LYS A 197 2.88 -5.79 -18.70
C LYS A 197 1.49 -5.35 -19.15
N LEU A 198 0.74 -4.66 -18.29
CA LEU A 198 -0.64 -4.33 -18.62
C LEU A 198 -0.73 -2.86 -19.09
N PHE A 199 -0.15 -1.91 -18.33
CA PHE A 199 -0.16 -0.53 -18.78
C PHE A 199 0.86 0.27 -17.99
N GLU A 200 1.18 1.45 -18.54
CA GLU A 200 2.06 2.40 -17.88
C GLU A 200 1.43 3.78 -17.95
N ALA A 201 2.07 4.79 -17.31
CA ALA A 201 1.51 6.14 -17.30
C ALA A 201 1.41 6.64 -18.74
N ASP A 202 0.35 7.41 -19.01
CA ASP A 202 -0.03 7.71 -20.39
C ASP A 202 0.38 9.14 -20.72
N GLY A 203 0.35 10.06 -19.73
CA GLY A 203 0.74 11.44 -20.04
C GLY A 203 -0.41 12.42 -20.18
N THR A 204 -1.66 11.92 -20.30
CA THR A 204 -2.86 12.77 -20.38
C THR A 204 -3.66 12.69 -19.07
N TYR A 205 -3.80 11.47 -18.54
CA TYR A 205 -4.43 11.33 -17.22
C TYR A 205 -3.35 11.24 -16.14
N TYR A 206 -2.35 10.36 -16.36
CA TYR A 206 -1.33 10.12 -15.34
C TYR A 206 0.03 10.60 -15.84
N GLN A 207 0.79 11.22 -14.92
CA GLN A 207 2.09 11.82 -15.27
C GLN A 207 3.15 10.75 -15.61
N THR A 208 3.97 11.06 -16.64
CA THR A 208 5.04 10.19 -17.14
C THR A 208 6.42 10.57 -16.59
N GLU A 209 7.36 9.66 -16.78
CA GLU A 209 8.78 9.90 -16.47
C GLU A 209 9.29 11.12 -17.25
N ALA A 210 8.84 11.27 -18.50
CA ALA A 210 9.29 12.42 -19.31
C ALA A 210 8.81 13.74 -18.68
N GLN A 211 7.59 13.72 -18.09
CA GLN A 211 7.06 14.93 -17.44
C GLN A 211 7.67 15.14 -16.06
N ASN A 212 8.21 14.09 -15.45
CA ASN A 212 8.70 14.19 -14.10
C ASN A 212 9.58 12.97 -13.81
N SER A 213 10.91 13.20 -13.68
CA SER A 213 11.80 12.06 -13.46
C SER A 213 11.45 11.29 -12.18
N SER A 214 10.73 11.93 -11.22
CA SER A 214 10.31 11.30 -9.97
C SER A 214 8.83 10.90 -9.97
N TRP A 215 8.27 10.69 -11.15
CA TRP A 215 6.86 10.29 -11.26
C TRP A 215 6.58 9.02 -10.47
N ASN A 216 5.34 8.94 -9.99
CA ASN A 216 4.83 7.78 -9.25
C ASN A 216 3.78 7.11 -10.13
N PHE A 217 3.92 5.78 -10.27
CA PHE A 217 2.98 4.97 -11.01
C PHE A 217 3.20 3.54 -10.54
N ARG A 218 2.30 2.99 -9.72
CA ARG A 218 2.57 1.66 -9.16
C ARG A 218 1.37 1.18 -8.34
N ASP A 219 1.46 -0.09 -7.86
CA ASP A 219 0.62 -0.64 -6.78
C ASP A 219 -0.80 -0.98 -7.24
N PRO A 220 -0.97 -1.98 -8.12
CA PRO A 220 -2.31 -2.38 -8.55
C PRO A 220 -3.08 -3.08 -7.42
N SER A 221 -4.35 -2.70 -7.32
CA SER A 221 -5.29 -3.32 -6.40
C SER A 221 -6.60 -3.64 -7.13
N PRO A 222 -6.70 -4.88 -7.66
CA PRO A 222 -7.86 -5.25 -8.47
C PRO A 222 -9.02 -5.75 -7.63
N PHE A 223 -10.24 -5.54 -8.17
CA PHE A 223 -11.44 -5.95 -7.45
C PHE A 223 -12.58 -6.10 -8.45
N ILE A 224 -13.59 -6.88 -8.06
CA ILE A 224 -14.86 -6.91 -8.81
C ILE A 224 -15.79 -5.89 -8.16
N ASP A 225 -16.29 -4.93 -8.94
CA ASP A 225 -17.20 -3.91 -8.41
C ASP A 225 -18.50 -4.52 -7.91
N PRO A 226 -18.93 -4.27 -6.66
CA PRO A 226 -20.15 -4.91 -6.12
C PRO A 226 -21.43 -4.48 -6.84
N ASN A 227 -21.40 -3.34 -7.55
CA ASN A 227 -22.59 -2.79 -8.20
C ASN A 227 -22.68 -3.20 -9.66
N ASP A 228 -21.56 -3.19 -10.41
CA ASP A 228 -21.74 -3.51 -11.82
C ASP A 228 -21.08 -4.84 -12.23
N GLY A 229 -20.37 -5.50 -11.32
CA GLY A 229 -19.83 -6.82 -11.60
C GLY A 229 -18.62 -6.81 -12.53
N LYS A 230 -18.05 -5.63 -12.85
CA LYS A 230 -16.87 -5.58 -13.72
C LYS A 230 -15.60 -5.64 -12.89
N LEU A 231 -14.52 -6.01 -13.56
CA LEU A 231 -13.20 -6.05 -12.92
C LEU A 231 -12.51 -4.69 -13.13
N TYR A 232 -12.09 -4.06 -12.02
CA TYR A 232 -11.39 -2.78 -12.03
C TYR A 232 -10.12 -2.90 -11.18
N MET A 233 -9.30 -1.86 -11.23
CA MET A 233 -8.23 -1.77 -10.24
C MET A 233 -7.98 -0.31 -9.90
N VAL A 234 -7.58 -0.08 -8.64
CA VAL A 234 -7.00 1.23 -8.29
C VAL A 234 -5.49 1.07 -8.18
N PHE A 235 -4.82 2.22 -8.30
CA PHE A 235 -3.36 2.21 -8.27
C PHE A 235 -2.91 3.63 -7.93
N GLU A 236 -1.63 3.75 -7.54
CA GLU A 236 -1.06 5.08 -7.31
C GLU A 236 -0.60 5.73 -8.63
N GLY A 237 -0.99 6.99 -8.83
CA GLY A 237 -0.49 7.76 -9.97
C GLY A 237 -0.07 9.13 -9.50
N ASN A 238 0.25 10.00 -10.48
CA ASN A 238 0.34 11.43 -10.25
C ASN A 238 -0.49 12.08 -11.37
N VAL A 239 -1.06 13.28 -11.09
CA VAL A 239 -1.83 13.99 -12.10
C VAL A 239 -0.90 14.41 -13.25
N ALA A 240 -1.28 14.05 -14.49
CA ALA A 240 -0.46 14.37 -15.64
C ALA A 240 -0.19 15.86 -15.80
N GLY A 241 1.01 16.08 -16.38
CA GLY A 241 1.46 17.44 -16.71
C GLY A 241 2.94 17.59 -16.37
N GLU A 242 3.61 18.55 -17.02
CA GLU A 242 5.01 18.82 -16.75
CA GLU A 242 5.02 18.78 -16.74
C GLU A 242 5.19 19.18 -15.28
N ARG A 243 6.20 18.62 -14.63
CA ARG A 243 6.49 19.00 -13.25
C ARG A 243 6.67 20.52 -13.13
N GLY A 244 5.95 21.11 -12.16
CA GLY A 244 6.01 22.56 -11.98
C GLY A 244 4.88 23.30 -12.70
N SER A 245 4.11 22.65 -13.59
CA SER A 245 3.13 23.38 -14.41
C SER A 245 1.72 23.34 -13.78
N HIS A 246 1.49 22.44 -12.81
CA HIS A 246 0.13 22.27 -12.26
C HIS A 246 -0.39 23.49 -11.50
N THR A 247 -1.71 23.71 -11.62
CA THR A 247 -2.33 24.88 -11.02
C THR A 247 -2.90 24.50 -9.64
N VAL A 248 -2.50 25.25 -8.60
CA VAL A 248 -3.17 25.15 -7.31
C VAL A 248 -4.16 26.32 -7.27
N GLY A 249 -5.38 26.04 -7.71
CA GLY A 249 -6.35 27.13 -7.82
C GLY A 249 -7.39 26.99 -6.71
N ALA A 250 -8.57 27.55 -6.95
CA ALA A 250 -9.57 27.58 -5.88
C ALA A 250 -9.98 26.19 -5.37
N ALA A 251 -10.13 25.22 -6.28
CA ALA A 251 -10.56 23.88 -5.91
C ALA A 251 -9.46 23.19 -5.09
N GLU A 252 -8.20 23.34 -5.51
CA GLU A 252 -7.11 22.69 -4.78
C GLU A 252 -6.88 23.34 -3.42
N LEU A 253 -6.98 24.66 -3.33
CA LEU A 253 -6.77 25.31 -2.04
C LEU A 253 -7.96 24.95 -1.12
N GLY A 254 -9.17 24.96 -1.67
CA GLY A 254 -10.36 24.82 -0.83
C GLY A 254 -10.56 26.06 0.06
N PRO A 255 -11.55 26.02 0.98
CA PRO A 255 -11.88 27.18 1.81
C PRO A 255 -10.93 27.29 3.01
N VAL A 256 -9.66 27.64 2.72
CA VAL A 256 -8.69 27.80 3.81
C VAL A 256 -9.01 29.05 4.63
N PRO A 257 -8.60 29.06 5.91
CA PRO A 257 -8.87 30.21 6.76
C PRO A 257 -7.93 31.35 6.45
N PRO A 258 -8.24 32.57 6.94
CA PRO A 258 -7.35 33.71 6.72
C PRO A 258 -5.94 33.39 7.17
N GLY A 259 -4.98 33.83 6.35
CA GLY A 259 -3.58 33.66 6.68
C GLY A 259 -3.00 32.43 5.99
N HIS A 260 -3.88 31.59 5.39
CA HIS A 260 -3.42 30.32 4.83
C HIS A 260 -3.44 30.31 3.31
N GLU A 261 -3.35 31.49 2.69
CA GLU A 261 -3.58 31.58 1.25
C GLU A 261 -2.29 31.35 0.44
N ASP A 262 -1.13 31.50 1.07
CA ASP A 262 0.16 31.32 0.39
C ASP A 262 0.49 29.83 0.34
N VAL A 263 0.74 29.31 -0.88
CA VAL A 263 0.94 27.86 -0.98
C VAL A 263 2.40 27.53 -1.28
N GLY A 264 3.26 28.57 -1.41
CA GLY A 264 4.68 28.25 -1.64
C GLY A 264 4.83 27.32 -2.86
N GLY A 265 5.65 26.26 -2.72
CA GLY A 265 5.93 25.37 -3.84
C GLY A 265 4.93 24.20 -3.93
N ALA A 266 3.69 24.40 -3.46
CA ALA A 266 2.76 23.27 -3.37
C ALA A 266 2.44 22.64 -4.73
N ARG A 267 2.58 23.41 -5.83
CA ARG A 267 2.30 22.84 -7.15
C ARG A 267 3.19 21.63 -7.50
N PHE A 268 4.29 21.43 -6.76
CA PHE A 268 5.17 20.32 -7.08
C PHE A 268 4.69 19.00 -6.43
N GLN A 269 3.56 19.05 -5.69
CA GLN A 269 3.04 17.81 -5.08
C GLN A 269 1.73 17.46 -5.83
N VAL A 270 1.66 16.29 -6.50
CA VAL A 270 0.57 16.05 -7.43
C VAL A 270 0.04 14.60 -7.36
N GLY A 271 -0.03 14.03 -6.16
CA GLY A 271 -0.43 12.64 -6.04
C GLY A 271 -1.89 12.40 -6.45
N CYS A 272 -2.16 11.19 -6.92
CA CYS A 272 -3.56 10.82 -7.18
C CYS A 272 -3.76 9.32 -7.08
N ILE A 273 -5.04 8.95 -6.82
CA ILE A 273 -5.43 7.56 -6.95
C ILE A 273 -6.05 7.38 -8.33
N GLY A 274 -5.44 6.47 -9.10
CA GLY A 274 -5.92 6.16 -10.44
C GLY A 274 -6.88 4.98 -10.43
N LEU A 275 -7.62 4.85 -11.57
CA LEU A 275 -8.52 3.71 -11.74
C LEU A 275 -8.38 3.20 -13.18
N ALA A 276 -8.53 1.90 -13.34
CA ALA A 276 -8.55 1.33 -14.68
C ALA A 276 -9.61 0.24 -14.69
N VAL A 277 -10.10 -0.11 -15.89
CA VAL A 277 -11.14 -1.15 -15.97
C VAL A 277 -10.62 -2.27 -16.88
N ALA A 278 -10.84 -3.53 -16.48
CA ALA A 278 -10.43 -4.63 -17.37
C ALA A 278 -11.46 -4.73 -18.50
N LYS A 279 -10.98 -5.03 -19.72
CA LYS A 279 -11.90 -5.08 -20.85
C LYS A 279 -12.86 -6.29 -20.76
N ASP A 280 -12.43 -7.30 -19.96
CA ASP A 280 -13.34 -8.34 -19.55
C ASP A 280 -12.84 -8.94 -18.23
N LEU A 281 -13.51 -10.00 -17.76
CA LEU A 281 -13.16 -10.53 -16.44
C LEU A 281 -11.86 -11.30 -16.40
N SER A 282 -11.20 -11.56 -17.56
CA SER A 282 -9.92 -12.25 -17.56
C SER A 282 -8.80 -11.36 -16.99
N GLY A 283 -9.03 -10.06 -17.05
CA GLY A 283 -8.01 -9.09 -16.69
C GLY A 283 -6.73 -9.22 -17.52
N GLU A 284 -6.86 -9.70 -18.80
CA GLU A 284 -5.74 -9.69 -19.74
C GLU A 284 -5.39 -8.34 -20.34
N GLU A 285 -6.40 -7.54 -20.60
CA GLU A 285 -6.23 -6.25 -21.25
C GLU A 285 -7.10 -5.22 -20.51
N TRP A 286 -6.53 -4.00 -20.34
CA TRP A 286 -7.13 -2.98 -19.47
C TRP A 286 -7.27 -1.64 -20.21
N GLU A 287 -8.20 -0.80 -19.77
CA GLU A 287 -8.34 0.59 -20.23
C GLU A 287 -8.13 1.49 -19.00
N ILE A 288 -7.27 2.52 -19.17
CA ILE A 288 -7.15 3.46 -18.04
C ILE A 288 -8.32 4.43 -18.01
N LEU A 289 -8.69 4.87 -16.79
CA LEU A 289 -9.76 5.80 -16.58
C LEU A 289 -9.15 7.02 -15.86
N PRO A 290 -9.87 8.15 -15.82
CA PRO A 290 -9.31 9.37 -15.25
C PRO A 290 -9.13 9.20 -13.74
N PRO A 291 -8.23 9.97 -13.12
CA PRO A 291 -8.02 9.89 -11.67
C PRO A 291 -9.31 9.94 -10.86
N LEU A 292 -9.42 9.17 -9.76
CA LEU A 292 -10.59 9.23 -8.90
C LEU A 292 -10.44 10.27 -7.80
N VAL A 293 -9.24 10.36 -7.19
CA VAL A 293 -9.04 11.32 -6.10
C VAL A 293 -7.70 12.00 -6.40
N THR A 294 -7.64 13.34 -6.33
CA THR A 294 -6.39 14.04 -6.66
C THR A 294 -5.97 14.89 -5.46
N ALA A 295 -4.65 15.05 -5.27
CA ALA A 295 -4.12 15.78 -4.11
C ALA A 295 -3.11 16.83 -4.56
N VAL A 296 -3.38 17.50 -5.69
CA VAL A 296 -2.46 18.55 -6.18
C VAL A 296 -2.39 19.68 -5.16
N GLY A 297 -1.16 20.12 -4.83
CA GLY A 297 -0.98 21.14 -3.80
C GLY A 297 -1.11 20.58 -2.38
N VAL A 298 -1.28 19.26 -2.21
CA VAL A 298 -1.49 18.68 -0.88
C VAL A 298 -0.46 17.60 -0.56
N ASN A 299 -0.35 16.54 -1.40
CA ASN A 299 0.64 15.50 -1.08
C ASN A 299 1.04 14.84 -2.38
N ASP A 300 2.32 14.46 -2.52
CA ASP A 300 2.78 13.88 -3.76
C ASP A 300 2.49 12.38 -3.85
N GLN A 301 2.18 11.76 -2.70
CA GLN A 301 2.11 10.29 -2.69
C GLN A 301 0.81 9.80 -2.08
N THR A 302 0.01 9.13 -2.91
CA THR A 302 -1.17 8.41 -2.38
C THR A 302 -0.90 6.95 -2.77
N GLU A 303 -0.16 6.22 -1.92
CA GLU A 303 0.36 4.91 -2.29
C GLU A 303 -0.60 3.77 -1.87
N ARG A 304 -0.37 2.61 -2.47
CA ARG A 304 -1.11 1.37 -2.16
C ARG A 304 -2.59 1.59 -1.92
N PRO A 305 -3.35 2.18 -2.87
CA PRO A 305 -4.78 2.39 -2.66
C PRO A 305 -5.48 1.03 -2.65
N HIS A 306 -6.55 0.96 -1.84
CA HIS A 306 -7.34 -0.27 -1.80
C HIS A 306 -8.70 0.04 -1.19
N TYR A 307 -9.67 -0.84 -1.54
CA TYR A 307 -11.05 -0.67 -1.08
C TYR A 307 -11.47 -1.67 -0.01
N ILE A 308 -12.41 -1.17 0.81
CA ILE A 308 -13.33 -1.99 1.59
CA ILE A 308 -13.33 -1.99 1.57
C ILE A 308 -14.73 -1.61 1.11
N PHE A 309 -15.58 -2.66 0.94
CA PHE A 309 -16.97 -2.38 0.51
C PHE A 309 -17.84 -2.79 1.70
N GLN A 310 -18.47 -1.80 2.36
CA GLN A 310 -19.20 -2.08 3.61
C GLN A 310 -20.35 -1.09 3.71
N ASP A 311 -21.50 -1.56 4.24
CA ASP A 311 -22.65 -0.71 4.54
C ASP A 311 -23.13 0.10 3.33
N GLY A 312 -23.07 -0.47 2.13
CA GLY A 312 -23.51 0.28 0.93
C GLY A 312 -22.51 1.35 0.47
N LYS A 313 -21.28 1.31 1.00
CA LYS A 313 -20.33 2.38 0.65
C LYS A 313 -19.03 1.81 0.14
N TYR A 314 -18.30 2.68 -0.59
CA TYR A 314 -16.95 2.38 -1.05
C TYR A 314 -16.00 3.15 -0.11
N TYR A 315 -15.12 2.44 0.62
CA TYR A 315 -14.12 3.10 1.47
C TYR A 315 -12.78 2.89 0.75
N LEU A 316 -12.20 3.99 0.27
CA LEU A 316 -10.96 3.93 -0.50
C LEU A 316 -9.81 4.43 0.38
N PHE A 317 -8.91 3.50 0.76
CA PHE A 317 -7.79 3.80 1.65
C PHE A 317 -6.52 3.98 0.82
N THR A 318 -5.64 4.84 1.32
CA THR A 318 -4.33 5.00 0.66
C THR A 318 -3.31 5.44 1.71
N ILE A 319 -2.03 5.10 1.51
CA ILE A 319 -1.03 5.41 2.54
C ILE A 319 -0.21 6.61 2.05
N SER A 320 0.22 7.45 3.02
CA SER A 320 1.00 8.60 2.60
C SER A 320 1.97 8.96 3.71
N HIS A 321 2.90 9.90 3.39
CA HIS A 321 4.01 10.19 4.27
C HIS A 321 3.95 11.64 4.75
N LYS A 322 4.49 11.85 5.97
CA LYS A 322 4.70 13.19 6.52
C LYS A 322 5.53 14.05 5.55
N PHE A 323 6.57 13.44 4.97
CA PHE A 323 7.53 14.19 4.19
C PHE A 323 7.09 14.41 2.73
N THR A 324 5.93 13.86 2.31
CA THR A 324 5.51 14.20 0.93
C THR A 324 4.37 15.23 0.93
N TYR A 325 4.03 15.78 2.09
CA TYR A 325 3.07 16.90 2.13
C TYR A 325 3.64 18.14 1.43
N ALA A 326 2.73 18.94 0.85
CA ALA A 326 3.11 20.26 0.32
C ALA A 326 3.44 21.26 1.42
N GLU A 327 4.26 22.27 1.05
CA GLU A 327 4.55 23.41 1.91
C GLU A 327 3.29 23.94 2.58
N GLY A 328 3.37 24.18 3.90
CA GLY A 328 2.27 24.83 4.61
C GLY A 328 1.27 23.84 5.20
N LEU A 329 1.52 22.55 4.97
CA LEU A 329 0.64 21.54 5.56
C LEU A 329 1.46 20.60 6.41
N THR A 330 0.81 19.94 7.37
CA THR A 330 1.57 18.92 8.09
C THR A 330 0.64 17.74 8.43
N GLY A 331 1.22 16.54 8.37
CA GLY A 331 0.37 15.41 8.73
C GLY A 331 1.28 14.23 8.99
N PRO A 332 0.76 13.13 9.54
CA PRO A 332 1.61 11.96 9.87
C PRO A 332 1.75 10.92 8.76
N ASP A 333 2.82 10.10 8.85
CA ASP A 333 2.81 8.88 8.04
C ASP A 333 1.63 8.02 8.49
N GLY A 334 1.01 7.34 7.55
CA GLY A 334 -0.12 6.52 7.96
C GLY A 334 -1.08 6.25 6.84
N VAL A 335 -2.31 5.83 7.23
CA VAL A 335 -3.28 5.60 6.18
C VAL A 335 -4.42 6.61 6.22
N TYR A 336 -4.82 7.00 5.00
CA TYR A 336 -5.83 8.04 4.79
C TYR A 336 -6.99 7.37 4.06
N GLY A 337 -8.14 8.03 3.99
CA GLY A 337 -9.25 7.37 3.31
C GLY A 337 -10.28 8.36 2.81
N PHE A 338 -11.07 7.87 1.85
CA PHE A 338 -12.13 8.67 1.23
C PHE A 338 -13.33 7.73 1.11
N VAL A 339 -14.55 8.29 1.26
CA VAL A 339 -15.69 7.37 1.25
C VAL A 339 -16.78 7.88 0.32
N GLY A 340 -17.48 6.97 -0.35
CA GLY A 340 -18.59 7.46 -1.19
C GLY A 340 -19.58 6.31 -1.43
N GLU A 341 -20.66 6.62 -2.16
CA GLU A 341 -21.64 5.57 -2.43
C GLU A 341 -21.55 5.05 -3.86
N HIS A 342 -20.69 5.66 -4.68
CA HIS A 342 -20.59 5.32 -6.11
C HIS A 342 -19.09 5.16 -6.46
N LEU A 343 -18.77 4.09 -7.19
CA LEU A 343 -17.36 3.86 -7.56
C LEU A 343 -16.72 5.14 -8.14
N PHE A 344 -17.45 5.84 -9.03
CA PHE A 344 -16.81 6.97 -9.71
C PHE A 344 -16.97 8.26 -8.91
N GLY A 345 -17.43 8.18 -7.66
CA GLY A 345 -17.46 9.35 -6.78
C GLY A 345 -18.80 10.08 -6.86
N PRO A 346 -18.94 11.24 -6.20
CA PRO A 346 -17.82 11.89 -5.50
C PRO A 346 -17.53 11.21 -4.16
N TYR A 347 -16.28 11.36 -3.70
CA TYR A 347 -15.93 10.84 -2.38
C TYR A 347 -15.81 11.99 -1.38
N ARG A 348 -15.86 11.62 -0.07
CA ARG A 348 -15.69 12.55 1.05
C ARG A 348 -14.44 12.11 1.83
N PRO A 349 -13.62 13.03 2.41
CA PRO A 349 -12.46 12.61 3.24
C PRO A 349 -12.97 12.00 4.55
N MET A 350 -12.42 10.83 4.89
CA MET A 350 -12.71 10.17 6.15
CA MET A 350 -12.82 10.22 6.14
C MET A 350 -12.37 11.08 7.33
N ASN A 351 -13.25 11.09 8.36
CA ASN A 351 -12.93 11.86 9.58
C ASN A 351 -12.68 13.33 9.25
N ALA A 352 -13.27 13.81 8.15
CA ALA A 352 -13.21 15.20 7.71
C ALA A 352 -11.85 15.59 7.12
N SER A 353 -10.73 15.10 7.71
CA SER A 353 -9.44 15.53 7.19
C SER A 353 -8.90 14.57 6.12
N GLY A 354 -9.40 13.31 6.16
CA GLY A 354 -8.83 12.22 5.39
C GLY A 354 -8.03 11.23 6.23
N LEU A 355 -7.55 11.65 7.43
CA LEU A 355 -6.68 10.71 8.17
C LEU A 355 -7.49 9.61 8.87
N VAL A 356 -7.00 8.35 8.69
CA VAL A 356 -7.68 7.20 9.26
C VAL A 356 -6.81 6.62 10.38
N LEU A 357 -5.52 6.39 10.12
CA LEU A 357 -4.63 5.93 11.18
CA LEU A 357 -4.65 5.96 11.21
C LEU A 357 -3.26 6.55 11.01
N GLY A 358 -2.83 7.40 11.94
CA GLY A 358 -1.54 8.07 11.78
C GLY A 358 -0.58 7.56 12.83
N ASN A 359 0.74 7.61 12.54
CA ASN A 359 1.67 7.24 13.60
C ASN A 359 1.61 8.27 14.72
N PRO A 360 1.92 7.84 15.97
CA PRO A 360 1.96 8.75 17.11
C PRO A 360 3.12 9.71 16.95
N PRO A 361 2.96 10.99 17.30
CA PRO A 361 4.02 11.94 17.07
C PRO A 361 5.28 11.60 17.89
N GLU A 362 5.16 10.82 18.96
CA GLU A 362 6.38 10.42 19.66
C GLU A 362 7.16 9.35 18.89
N GLN A 363 6.49 8.54 18.04
CA GLN A 363 7.17 7.53 17.22
C GLN A 363 6.71 7.67 15.78
N PRO A 364 7.08 8.77 15.09
CA PRO A 364 6.35 9.14 13.86
C PRO A 364 6.65 8.22 12.70
N PHE A 365 7.71 7.39 12.82
CA PHE A 365 8.09 6.50 11.71
C PHE A 365 8.05 5.02 12.13
N GLN A 366 7.25 4.70 13.16
CA GLN A 366 7.28 3.34 13.71
C GLN A 366 6.70 2.32 12.73
N THR A 367 5.67 2.70 11.96
CA THR A 367 5.03 1.72 11.08
C THR A 367 4.68 2.34 9.73
N TYR A 368 4.53 1.48 8.72
CA TYR A 368 4.12 2.01 7.42
C TYR A 368 3.44 0.91 6.64
N SER A 369 2.79 1.33 5.54
CA SER A 369 2.19 0.43 4.57
C SER A 369 0.98 -0.32 5.11
N HIS A 370 0.12 0.40 5.82
CA HIS A 370 -1.11 -0.13 6.40
C HIS A 370 -1.95 -0.75 5.28
N CYS A 371 -2.39 -1.99 5.48
CA CYS A 371 -3.31 -2.61 4.57
C CYS A 371 -4.57 -2.93 5.39
N VAL A 372 -5.69 -2.28 5.09
CA VAL A 372 -6.94 -2.44 5.83
C VAL A 372 -7.72 -3.59 5.18
N MET A 373 -8.09 -4.61 5.95
CA MET A 373 -8.79 -5.76 5.39
C MET A 373 -10.24 -5.71 5.84
N PRO A 374 -11.14 -6.39 5.13
CA PRO A 374 -12.57 -6.19 5.33
C PRO A 374 -13.10 -6.62 6.70
N ASN A 375 -12.33 -7.43 7.44
CA ASN A 375 -12.68 -7.76 8.83
C ASN A 375 -12.27 -6.62 9.78
N GLY A 376 -11.73 -5.52 9.24
CA GLY A 376 -11.37 -4.36 10.05
C GLY A 376 -9.93 -4.42 10.55
N LEU A 377 -9.26 -5.56 10.33
CA LEU A 377 -7.87 -5.61 10.78
C LEU A 377 -6.94 -4.87 9.82
N VAL A 378 -5.95 -4.18 10.40
CA VAL A 378 -4.98 -3.43 9.63
C VAL A 378 -3.58 -3.99 9.93
N THR A 379 -2.89 -4.44 8.89
CA THR A 379 -1.49 -4.88 9.02
C THR A 379 -0.56 -3.79 8.54
N SER A 380 0.62 -3.68 9.17
CA SER A 380 1.65 -2.75 8.70
C SER A 380 2.99 -3.37 9.09
N PHE A 381 4.07 -2.77 8.58
CA PHE A 381 5.43 -3.23 8.96
C PHE A 381 6.07 -2.19 9.88
N ILE A 382 7.05 -2.63 10.70
CA ILE A 382 7.81 -1.75 11.57
C ILE A 382 8.98 -1.13 10.81
N ASP A 383 9.07 0.20 10.82
CA ASP A 383 10.17 0.88 10.17
C ASP A 383 11.22 1.27 11.21
N SER A 384 11.01 2.40 11.95
CA SER A 384 12.02 2.92 12.87
C SER A 384 11.39 3.20 14.23
N VAL A 385 11.92 2.59 15.30
CA VAL A 385 11.33 2.78 16.62
C VAL A 385 12.39 3.38 17.54
N PRO A 386 12.13 4.52 18.20
CA PRO A 386 13.14 5.13 19.06
C PRO A 386 13.43 4.26 20.29
N THR A 387 14.71 4.30 20.70
CA THR A 387 15.16 3.56 21.87
C THR A 387 15.59 4.56 22.94
N ASP A 388 16.76 5.19 22.78
CA ASP A 388 17.40 5.91 23.88
C ASP A 388 18.28 7.03 23.34
N GLY A 389 18.00 8.26 23.77
CA GLY A 389 18.69 9.41 23.22
C GLY A 389 18.13 9.72 21.84
N GLU A 390 19.01 9.90 20.87
CA GLU A 390 18.57 10.12 19.50
C GLU A 390 18.65 8.79 18.73
N ASP A 391 18.67 7.67 19.47
CA ASP A 391 18.95 6.34 18.95
C ASP A 391 17.63 5.60 18.61
N TYR A 392 17.70 4.62 17.69
CA TYR A 392 16.49 3.93 17.26
C TYR A 392 16.83 2.55 16.69
N ARG A 393 15.80 1.70 16.57
CA ARG A 393 15.92 0.35 16.10
C ARG A 393 15.15 0.25 14.80
N ILE A 394 15.73 -0.46 13.82
CA ILE A 394 15.12 -0.67 12.51
C ILE A 394 14.34 -1.98 12.56
N GLY A 395 13.13 -1.99 11.96
CA GLY A 395 12.32 -3.19 12.00
C GLY A 395 12.49 -4.11 10.79
N GLY A 396 11.82 -3.82 9.66
CA GLY A 396 11.81 -4.77 8.56
C GLY A 396 11.12 -6.08 8.94
N THR A 397 10.06 -5.97 9.73
CA THR A 397 9.30 -7.10 10.25
C THR A 397 7.89 -6.58 10.50
N GLU A 398 6.97 -7.50 10.73
CA GLU A 398 5.58 -7.03 10.82
C GLU A 398 5.32 -6.33 12.16
N ALA A 399 4.45 -5.31 12.11
CA ALA A 399 4.00 -4.64 13.34
C ALA A 399 2.79 -5.36 13.92
N PRO A 400 2.37 -5.04 15.18
CA PRO A 400 1.08 -5.53 15.72
C PRO A 400 -0.07 -5.12 14.79
N THR A 401 -0.93 -6.07 14.41
CA THR A 401 -2.19 -5.77 13.71
C THR A 401 -3.13 -5.03 14.65
N VAL A 402 -3.89 -4.07 14.14
CA VAL A 402 -4.85 -3.33 14.96
C VAL A 402 -6.21 -3.33 14.22
N ARG A 403 -7.34 -3.36 14.94
CA ARG A 403 -8.64 -3.33 14.30
C ARG A 403 -9.13 -1.89 14.28
N ILE A 404 -9.75 -1.48 13.15
CA ILE A 404 -10.52 -0.23 13.11
C ILE A 404 -11.98 -0.57 12.86
N VAL A 405 -12.88 0.33 13.32
CA VAL A 405 -14.25 0.19 12.87
CA VAL A 405 -14.29 0.26 12.98
C VAL A 405 -14.63 1.44 12.08
N LEU A 406 -15.50 1.19 11.11
CA LEU A 406 -15.96 2.28 10.24
C LEU A 406 -17.41 2.57 10.56
N LYS A 407 -17.73 3.85 10.68
CA LYS A 407 -19.09 4.25 11.02
C LYS A 407 -19.37 5.46 10.15
N GLY A 408 -20.15 5.24 9.08
CA GLY A 408 -20.42 6.30 8.12
C GLY A 408 -19.11 6.83 7.55
N ASP A 409 -18.88 8.15 7.69
CA ASP A 409 -17.67 8.74 7.10
C ASP A 409 -16.54 8.85 8.14
N ARG A 410 -16.58 8.08 9.23
CA ARG A 410 -15.61 8.21 10.30
C ARG A 410 -15.04 6.83 10.61
N SER A 411 -13.86 6.84 11.22
CA SER A 411 -13.25 5.58 11.67
C SER A 411 -12.75 5.73 13.10
N PHE A 412 -12.55 4.57 13.75
CA PHE A 412 -12.20 4.55 15.18
C PHE A 412 -11.26 3.36 15.40
N VAL A 413 -10.07 3.63 15.97
CA VAL A 413 -9.14 2.55 16.27
C VAL A 413 -9.61 1.77 17.49
N GLN A 414 -9.39 0.44 17.43
CA GLN A 414 -9.86 -0.47 18.47
C GLN A 414 -8.66 -1.29 18.93
N GLU A 415 -8.88 -2.58 19.26
CA GLU A 415 -7.82 -3.24 20.03
C GLU A 415 -6.71 -3.73 19.10
N GLU A 416 -5.60 -4.08 19.74
CA GLU A 416 -4.42 -4.52 19.00
C GLU A 416 -4.24 -6.03 19.18
N TYR A 417 -3.54 -6.60 18.21
CA TYR A 417 -3.35 -8.05 18.10
C TYR A 417 -1.85 -8.32 18.03
N ASP A 418 -1.52 -9.62 17.84
CA ASP A 418 -0.11 -10.00 17.83
C ASP A 418 0.62 -9.41 16.61
N TYR A 419 1.95 -9.43 16.67
CA TYR A 419 2.76 -9.02 15.53
C TYR A 419 2.43 -9.85 14.31
N GLY A 420 2.10 -9.15 13.20
CA GLY A 420 1.92 -9.83 11.93
C GLY A 420 0.71 -10.76 11.86
N TYR A 421 -0.32 -10.53 12.69
CA TYR A 421 -1.51 -11.40 12.68
C TYR A 421 -2.44 -11.03 11.52
N ILE A 422 -2.55 -11.98 10.56
CA ILE A 422 -3.36 -11.76 9.38
C ILE A 422 -4.22 -13.00 9.20
N PRO A 423 -5.31 -13.14 9.99
CA PRO A 423 -6.10 -14.36 9.93
C PRO A 423 -6.93 -14.45 8.66
N ALA A 424 -7.27 -15.68 8.28
CA ALA A 424 -8.12 -15.89 7.12
C ALA A 424 -9.56 -15.50 7.46
N MET A 425 -10.23 -14.85 6.52
CA MET A 425 -11.67 -14.62 6.63
C MET A 425 -12.47 -15.81 6.11
N LYS A 426 -11.92 -16.56 5.16
CA LYS A 426 -12.58 -17.72 4.57
C LYS A 426 -11.52 -18.73 4.18
N ASP A 427 -11.81 -20.04 4.29
CA ASP A 427 -10.87 -21.04 3.83
C ASP A 427 -11.36 -21.59 2.50
N VAL A 428 -10.46 -21.77 1.55
CA VAL A 428 -10.82 -22.39 0.28
C VAL A 428 -10.15 -23.76 0.22
N GLN A 429 -10.96 -24.82 0.03
CA GLN A 429 -10.43 -26.16 -0.13
CA GLN A 429 -10.46 -26.17 -0.13
C GLN A 429 -10.20 -26.43 -1.61
N LEU A 430 -8.99 -26.82 -1.98
CA LEU A 430 -8.67 -27.02 -3.38
C LEU A 430 -9.37 -28.27 -3.93
N SER A 431 -9.92 -28.13 -5.15
CA SER A 431 -10.46 -29.19 -6.00
C SER A 431 -9.43 -29.61 -7.06
#